data_8P7M
#
_entry.id   8P7M
#
_cell.length_a   69.740
_cell.length_b   69.740
_cell.length_c   186.760
_cell.angle_alpha   90.00
_cell.angle_beta   90.00
_cell.angle_gamma   90.00
#
_symmetry.space_group_name_H-M   'P 43 21 2'
#
loop_
_entity.id
_entity.type
_entity.pdbx_description
1 polymer 'Parathion hydrolase'
2 non-polymer GLYCEROL
3 non-polymer 'FORMIC ACID'
4 non-polymer 'ZINC ION'
5 non-polymer 'SULFATE ION'
6 non-polymer 'METHYLPHOSPHONIC ACID ESTER GROUP'
7 water water
#
_entity_poly.entity_id   1
_entity_poly.type   'polypeptide(L)'
_entity_poly.pdbx_seq_one_letter_code
;GDRINTVRGPITISEAGFTLTHEHICGSSAGFLRAWPEFFGSRAALVEKAVRGLRRARAAGVRTIVDVSTFDAGRDVSLL
AEVSRAADVHIVAATGLWEDPPLSMRLRSVEELTQFFLREIQYGIEDTGIRAGIIKVATQGKATPFQELVLRAAARASLA
TGVPVTTHTFASQRDGEQQAAIFESEGLSPSRVCIGHSDDTDDLSYLTALAARGYLIGLDGIPHSAIGLEDNASASALLG
NRSWQTRALLIKALIDQGYMKQILVSNDWLFGFSSYVTNIMDVMDSVNPDGMAFIPLRVIPFLREKGVPQETLAGITVTN
PARFLSPT
;
_entity_poly.pdbx_strand_id   A
#
# COMPACT_ATOMS: atom_id res chain seq x y z
N GLY A 1 3.98 -13.92 -15.14
CA GLY A 1 2.79 -14.74 -14.93
C GLY A 1 2.96 -15.68 -13.76
N ASP A 2 4.10 -16.39 -13.76
CA ASP A 2 4.54 -17.19 -12.63
C ASP A 2 5.63 -16.49 -11.83
N ARG A 3 5.83 -15.19 -12.05
CA ARG A 3 6.86 -14.42 -11.36
C ARG A 3 6.28 -13.08 -10.95
N ILE A 4 6.76 -12.59 -9.81
CA ILE A 4 6.47 -11.25 -9.31
C ILE A 4 7.76 -10.44 -9.37
N ASN A 5 7.71 -9.26 -9.98
CA ASN A 5 8.89 -8.41 -10.02
C ASN A 5 9.12 -7.73 -8.68
N THR A 6 10.33 -7.85 -8.16
CA THR A 6 10.77 -7.14 -6.97
C THR A 6 11.93 -6.21 -7.35
N VAL A 7 12.35 -5.40 -6.39
CA VAL A 7 13.45 -4.47 -6.66
C VAL A 7 14.79 -5.19 -6.82
N ARG A 8 14.83 -6.49 -6.52
CA ARG A 8 16.02 -7.31 -6.78
C ARG A 8 15.77 -8.33 -7.88
N GLY A 9 14.70 -8.19 -8.66
CA GLY A 9 14.42 -9.09 -9.74
C GLY A 9 13.19 -9.94 -9.51
N PRO A 10 12.91 -10.85 -10.45
CA PRO A 10 11.70 -11.68 -10.33
C PRO A 10 11.83 -12.73 -9.24
N ILE A 11 10.71 -12.99 -8.56
CA ILE A 11 10.65 -14.07 -7.58
C ILE A 11 9.46 -14.95 -7.92
N THR A 12 9.55 -16.22 -7.54
CA THR A 12 8.40 -17.09 -7.71
C THR A 12 7.31 -16.74 -6.71
N ILE A 13 6.09 -17.15 -7.03
CA ILE A 13 4.96 -16.88 -6.16
C ILE A 13 5.20 -17.47 -4.78
N SER A 14 5.80 -18.67 -4.72
CA SER A 14 6.10 -19.32 -3.46
C SER A 14 7.07 -18.51 -2.60
N GLU A 15 7.99 -17.79 -3.22
CA GLU A 15 8.99 -17.04 -2.46
C GLU A 15 8.41 -15.83 -1.73
N ALA A 16 7.25 -15.32 -2.17
CA ALA A 16 6.71 -14.10 -1.56
C ALA A 16 6.39 -14.32 -0.08
N GLY A 17 5.76 -15.45 0.26
CA GLY A 17 5.48 -15.73 1.65
C GLY A 17 4.57 -14.69 2.28
N PHE A 18 4.70 -14.55 3.60
CA PHE A 18 3.94 -13.55 4.36
C PHE A 18 4.21 -12.17 3.80
N THR A 19 3.18 -11.50 3.29
CA THR A 19 3.35 -10.28 2.51
C THR A 19 2.47 -9.16 3.06
N LEU A 20 3.10 -8.02 3.34
CA LEU A 20 2.39 -6.79 3.67
C LEU A 20 2.17 -6.01 2.38
N THR A 21 0.93 -5.75 2.03
CA THR A 21 0.60 -5.27 0.69
C THR A 21 0.53 -3.75 0.58
N HIS A 22 0.71 -3.00 1.67
CA HIS A 22 0.66 -1.53 1.56
C HIS A 22 1.60 -0.97 2.63
N GLU A 23 2.82 -0.64 2.20
CA GLU A 23 3.86 -0.14 3.09
C GLU A 23 4.68 0.90 2.32
N HIS A 24 5.55 1.60 3.04
CA HIS A 24 6.47 2.57 2.44
C HIS A 24 7.81 2.49 3.13
N ILE A 25 8.90 2.48 2.37
CA ILE A 25 10.19 2.76 2.99
C ILE A 25 10.25 4.22 3.39
N CYS A 26 9.86 5.12 2.49
CA CYS A 26 9.91 6.54 2.77
C CYS A 26 8.82 7.25 1.99
N GLY A 27 7.91 7.92 2.70
CA GLY A 27 6.90 8.75 2.05
C GLY A 27 7.44 10.15 1.83
N SER A 28 7.75 10.48 0.58
CA SER A 28 8.44 11.74 0.31
C SER A 28 7.86 12.39 -0.94
N SER A 29 8.70 13.06 -1.70
CA SER A 29 8.31 13.64 -2.99
C SER A 29 9.45 13.41 -3.96
N ALA A 30 9.13 13.39 -5.27
CA ALA A 30 10.18 13.09 -6.24
C ALA A 30 11.36 14.04 -6.10
N GLY A 31 12.57 13.47 -6.11
CA GLY A 31 13.80 14.25 -6.01
C GLY A 31 14.17 14.74 -4.62
N PHE A 32 13.27 14.61 -3.64
CA PHE A 32 13.44 15.29 -2.37
C PHE A 32 14.56 14.67 -1.53
N LEU A 33 14.60 13.35 -1.45
CA LEU A 33 15.67 12.70 -0.69
C LEU A 33 17.05 13.01 -1.28
N ARG A 34 17.15 13.08 -2.61
CA ARG A 34 18.41 13.46 -3.25
C ARG A 34 18.79 14.90 -2.94
N ALA A 35 17.82 15.81 -2.94
CA ALA A 35 18.13 17.23 -2.82
C ALA A 35 18.29 17.67 -1.37
N TRP A 36 17.70 16.94 -0.41
CA TRP A 36 17.69 17.43 0.97
C TRP A 36 17.79 16.26 1.93
N PRO A 37 18.84 15.43 1.83
CA PRO A 37 18.90 14.23 2.70
C PRO A 37 18.95 14.58 4.16
N GLU A 38 19.46 15.77 4.52
CA GLU A 38 19.53 16.18 5.92
C GLU A 38 18.16 16.29 6.55
N PHE A 39 17.10 16.41 5.74
CA PHE A 39 15.76 16.40 6.34
C PHE A 39 15.54 15.11 7.14
N PHE A 40 16.15 14.02 6.70
CA PHE A 40 16.01 12.73 7.37
C PHE A 40 17.18 12.44 8.28
N GLY A 41 17.90 13.47 8.71
CA GLY A 41 19.17 13.29 9.39
C GLY A 41 20.26 13.12 8.36
N SER A 42 20.24 11.97 7.72
CA SER A 42 21.11 11.66 6.59
C SER A 42 20.46 10.52 5.82
N ARG A 43 20.85 10.38 4.56
CA ARG A 43 20.43 9.21 3.81
C ARG A 43 20.85 7.93 4.53
N ALA A 44 22.07 7.91 5.09
CA ALA A 44 22.55 6.71 5.76
C ALA A 44 21.71 6.39 6.99
N ALA A 45 21.28 7.42 7.73
CA ALA A 45 20.42 7.21 8.88
C ALA A 45 19.07 6.64 8.47
N LEU A 46 18.53 7.10 7.35
CA LEU A 46 17.25 6.58 6.85
C LEU A 46 17.40 5.10 6.46
N VAL A 47 18.45 4.78 5.71
CA VAL A 47 18.71 3.39 5.32
C VAL A 47 18.81 2.50 6.56
N GLU A 48 19.59 2.94 7.56
CA GLU A 48 19.80 2.11 8.74
C GLU A 48 18.50 1.89 9.50
N LYS A 49 17.71 2.95 9.67
CA LYS A 49 16.42 2.82 10.34
C LYS A 49 15.50 1.86 9.58
N ALA A 50 15.51 1.93 8.24
CA ALA A 50 14.66 1.04 7.46
C ALA A 50 15.14 -0.41 7.56
N VAL A 51 16.46 -0.61 7.49
CA VAL A 51 16.99 -1.98 7.57
C VAL A 51 16.67 -2.59 8.93
N ARG A 52 16.82 -1.82 10.00
CA ARG A 52 16.48 -2.34 11.33
C ARG A 52 15.01 -2.68 11.43
N GLY A 53 14.14 -1.83 10.87
CA GLY A 53 12.72 -2.09 10.95
C GLY A 53 12.31 -3.31 10.16
N LEU A 54 12.85 -3.45 8.95
CA LEU A 54 12.53 -4.60 8.12
C LEU A 54 13.09 -5.89 8.72
N ARG A 55 14.28 -5.81 9.33
CA ARG A 55 14.83 -7.00 10.00
C ARG A 55 13.94 -7.46 11.13
N ARG A 56 13.42 -6.51 11.93
CA ARG A 56 12.48 -6.88 12.99
C ARG A 56 11.18 -7.43 12.41
N ALA A 57 10.72 -6.88 11.28
CA ALA A 57 9.54 -7.44 10.64
C ALA A 57 9.81 -8.85 10.14
N ARG A 58 10.99 -9.08 9.59
CA ARG A 58 11.33 -10.42 9.10
C ARG A 58 11.39 -11.41 10.26
N ALA A 59 11.92 -10.97 11.41
CA ALA A 59 11.96 -11.88 12.55
C ALA A 59 10.56 -12.24 13.02
N ALA A 60 9.60 -11.34 12.82
CA ALA A 60 8.21 -11.60 13.17
C ALA A 60 7.46 -12.40 12.11
N GLY A 61 8.12 -12.72 10.99
CA GLY A 61 7.56 -13.60 9.98
C GLY A 61 7.33 -12.96 8.63
N VAL A 62 7.49 -11.64 8.49
CA VAL A 62 7.27 -11.00 7.19
C VAL A 62 8.37 -11.42 6.22
N ARG A 63 7.98 -11.71 4.97
CA ARG A 63 8.95 -12.05 3.95
C ARG A 63 9.00 -11.07 2.79
N THR A 64 7.90 -10.34 2.55
CA THR A 64 7.77 -9.43 1.42
C THR A 64 6.95 -8.22 1.87
N ILE A 65 7.32 -7.03 1.42
CA ILE A 65 6.44 -5.87 1.53
C ILE A 65 6.24 -5.33 0.12
N VAL A 66 5.05 -4.76 -0.10
CA VAL A 66 4.77 -4.00 -1.30
C VAL A 66 4.91 -2.52 -0.93
N ASP A 67 5.93 -1.86 -1.47
CA ASP A 67 6.11 -0.43 -1.25
C ASP A 67 5.25 0.28 -2.28
N VAL A 68 4.16 0.91 -1.84
CA VAL A 68 3.23 1.53 -2.77
C VAL A 68 3.51 3.02 -2.91
N SER A 69 4.78 3.40 -2.70
CA SER A 69 5.22 4.74 -3.04
C SER A 69 5.33 4.88 -4.56
N THR A 70 4.71 5.90 -5.11
CA THR A 70 4.80 6.24 -6.51
C THR A 70 5.91 7.23 -6.79
N PHE A 71 6.07 7.56 -8.09
CA PHE A 71 6.95 8.64 -8.51
C PHE A 71 6.78 9.89 -7.65
N ASP A 72 5.53 10.36 -7.50
CA ASP A 72 5.30 11.62 -6.80
C ASP A 72 5.32 11.47 -5.29
N ALA A 73 5.28 10.25 -4.76
CA ALA A 73 5.57 10.03 -3.35
C ALA A 73 7.06 9.87 -3.10
N GLY A 74 7.89 10.19 -4.08
CA GLY A 74 9.33 10.15 -3.87
C GLY A 74 9.94 8.77 -3.84
N ARG A 75 9.29 7.78 -4.42
CA ARG A 75 9.84 6.43 -4.56
C ARG A 75 11.26 6.50 -5.14
N ASP A 76 12.20 5.89 -4.42
CA ASP A 76 13.59 5.78 -4.86
C ASP A 76 13.92 4.29 -4.89
N VAL A 77 13.81 3.66 -6.07
CA VAL A 77 13.95 2.20 -6.09
C VAL A 77 15.37 1.76 -5.76
N SER A 78 16.36 2.62 -5.97
CA SER A 78 17.72 2.26 -5.56
C SER A 78 17.82 2.17 -4.05
N LEU A 79 17.10 3.04 -3.34
CA LEU A 79 17.00 2.95 -1.89
C LEU A 79 16.29 1.66 -1.47
N LEU A 80 15.17 1.34 -2.13
CA LEU A 80 14.44 0.12 -1.83
C LEU A 80 15.31 -1.11 -2.04
N ALA A 81 16.08 -1.14 -3.13
CA ALA A 81 16.93 -2.30 -3.40
C ALA A 81 18.00 -2.45 -2.32
N GLU A 82 18.62 -1.34 -1.91
CA GLU A 82 19.63 -1.40 -0.87
C GLU A 82 19.05 -1.92 0.44
N VAL A 83 17.86 -1.43 0.82
CA VAL A 83 17.26 -1.85 2.07
C VAL A 83 16.77 -3.30 1.96
N SER A 84 16.24 -3.68 0.80
CA SER A 84 15.80 -5.07 0.60
C SER A 84 16.97 -6.04 0.71
N ARG A 85 18.09 -5.69 0.10
CA ARG A 85 19.30 -6.51 0.15
C ARG A 85 19.78 -6.68 1.58
N ALA A 86 19.85 -5.59 2.34
CA ALA A 86 20.42 -5.62 3.68
C ALA A 86 19.52 -6.34 4.67
N ALA A 87 18.20 -6.26 4.49
CA ALA A 87 17.29 -6.87 5.44
C ALA A 87 16.81 -8.26 5.03
N ASP A 88 17.12 -8.70 3.80
CA ASP A 88 16.62 -9.98 3.29
C ASP A 88 15.09 -10.04 3.34
N VAL A 89 14.44 -8.95 2.91
CA VAL A 89 13.01 -8.87 2.76
C VAL A 89 12.72 -8.41 1.34
N HIS A 90 11.91 -9.19 0.61
CA HIS A 90 11.53 -8.80 -0.74
C HIS A 90 10.75 -7.49 -0.70
N ILE A 91 10.99 -6.61 -1.68
CA ILE A 91 10.21 -5.39 -1.82
C ILE A 91 9.69 -5.30 -3.24
N VAL A 92 8.37 -5.21 -3.37
CA VAL A 92 7.72 -4.94 -4.65
C VAL A 92 7.56 -3.44 -4.78
N ALA A 93 8.00 -2.87 -5.92
CA ALA A 93 7.86 -1.45 -6.17
C ALA A 93 6.61 -1.15 -6.96
N ALA A 94 6.19 0.11 -6.93
CA ALA A 94 4.96 0.57 -7.55
C ALA A 94 5.25 1.56 -8.66
N THR A 95 4.37 1.59 -9.66
CA THR A 95 4.19 2.74 -10.53
C THR A 95 2.83 3.38 -10.19
N GLY A 96 2.34 4.25 -11.06
CA GLY A 96 1.11 4.97 -10.79
C GLY A 96 1.41 6.38 -10.30
N LEU A 97 0.36 7.03 -9.78
CA LEU A 97 0.49 8.37 -9.21
C LEU A 97 -0.36 8.45 -7.95
N TRP A 98 0.14 9.19 -6.96
CA TRP A 98 -0.47 9.28 -5.65
C TRP A 98 -1.17 10.64 -5.53
N GLU A 99 -1.14 11.26 -4.34
CA GLU A 99 -1.91 12.47 -4.09
C GLU A 99 -1.27 13.75 -4.60
N ASP A 100 -0.02 13.71 -5.08
CA ASP A 100 0.75 14.93 -5.30
C ASP A 100 1.46 14.96 -6.66
N PRO A 101 0.77 14.64 -7.76
CA PRO A 101 1.44 14.68 -9.08
C PRO A 101 1.88 16.08 -9.41
N PRO A 102 3.09 16.25 -9.95
CA PRO A 102 3.52 17.59 -10.37
C PRO A 102 2.91 17.95 -11.71
N LEU A 103 3.13 19.21 -12.11
CA LEU A 103 2.59 19.72 -13.36
C LEU A 103 2.92 18.82 -14.54
N SER A 104 4.14 18.29 -14.58
CA SER A 104 4.57 17.51 -15.74
C SER A 104 3.80 16.20 -15.86
N MET A 105 3.18 15.75 -14.77
CA MET A 105 2.24 14.63 -14.81
C MET A 105 0.80 15.11 -14.98
N ARG A 106 0.38 16.16 -14.23
CA ARG A 106 -1.01 16.60 -14.21
C ARG A 106 -1.52 17.06 -15.56
N LEU A 107 -0.63 17.47 -16.45
CA LEU A 107 -1.04 17.95 -17.77
C LEU A 107 -1.05 16.85 -18.82
N ARG A 108 -0.82 15.60 -18.45
CA ARG A 108 -0.73 14.53 -19.44
C ARG A 108 -2.10 13.91 -19.74
N SER A 109 -2.19 13.30 -20.93
CA SER A 109 -3.38 12.59 -21.39
C SER A 109 -3.41 11.16 -20.83
N VAL A 110 -4.57 10.51 -20.97
CA VAL A 110 -4.69 9.12 -20.54
C VAL A 110 -3.72 8.24 -21.31
N GLU A 111 -3.51 8.52 -22.61
CA GLU A 111 -2.56 7.74 -23.40
C GLU A 111 -1.13 7.93 -22.92
N GLU A 112 -0.72 9.18 -22.69
CA GLU A 112 0.62 9.46 -22.17
C GLU A 112 0.84 8.78 -20.82
N LEU A 113 -0.11 8.92 -19.91
CA LEU A 113 0.03 8.27 -18.60
C LEU A 113 0.16 6.75 -18.74
N THR A 114 -0.61 6.16 -19.65
CA THR A 114 -0.49 4.72 -19.85
C THR A 114 0.91 4.36 -20.32
N GLN A 115 1.49 5.15 -21.23
CA GLN A 115 2.87 4.93 -21.64
C GLN A 115 3.82 4.96 -20.44
N PHE A 116 3.64 5.95 -19.55
CA PHE A 116 4.52 6.07 -18.40
C PHE A 116 4.39 4.86 -17.47
N PHE A 117 3.15 4.47 -17.16
CA PHE A 117 2.99 3.33 -16.27
C PHE A 117 3.54 2.05 -16.90
N LEU A 118 3.28 1.87 -18.20
CA LEU A 118 3.82 0.69 -18.89
C LEU A 118 5.35 0.71 -18.90
N ARG A 119 5.95 1.90 -19.02
CA ARG A 119 7.40 1.99 -18.97
C ARG A 119 7.93 1.40 -17.66
N GLU A 120 7.32 1.79 -16.54
CA GLU A 120 7.82 1.38 -15.25
C GLU A 120 7.54 -0.09 -14.96
N ILE A 121 6.50 -0.64 -15.59
CA ILE A 121 6.18 -2.07 -15.43
C ILE A 121 7.00 -2.93 -16.38
N GLN A 122 7.14 -2.51 -17.64
CA GLN A 122 7.62 -3.38 -18.70
C GLN A 122 9.09 -3.19 -19.03
N TYR A 123 9.61 -2.00 -18.79
CA TYR A 123 10.98 -1.64 -19.15
C TYR A 123 11.82 -1.43 -17.91
N GLY A 124 11.42 -0.48 -17.06
CA GLY A 124 12.17 -0.24 -15.83
C GLY A 124 11.91 1.15 -15.32
N ILE A 125 12.24 1.34 -14.05
CA ILE A 125 12.06 2.61 -13.38
C ILE A 125 13.38 3.40 -13.52
N GLU A 126 13.28 4.61 -14.07
CA GLU A 126 14.45 5.46 -14.33
C GLU A 126 15.44 4.64 -15.17
N ASP A 127 16.73 4.65 -14.84
CA ASP A 127 17.72 3.83 -15.54
C ASP A 127 18.13 2.60 -14.73
N THR A 128 17.28 2.15 -13.80
CA THR A 128 17.68 1.09 -12.87
C THR A 128 17.39 -0.31 -13.38
N GLY A 129 16.53 -0.46 -14.38
CA GLY A 129 16.08 -1.77 -14.79
C GLY A 129 15.09 -2.43 -13.84
N ILE A 130 14.78 -1.80 -12.71
CA ILE A 130 13.85 -2.35 -11.73
C ILE A 130 12.42 -2.08 -12.20
N ARG A 131 11.60 -3.13 -12.24
CA ARG A 131 10.25 -3.02 -12.79
C ARG A 131 9.22 -3.06 -11.67
N ALA A 132 8.19 -2.21 -11.81
CA ALA A 132 7.10 -2.18 -10.83
C ALA A 132 6.28 -3.47 -10.89
N GLY A 133 5.82 -3.93 -9.72
CA GLY A 133 4.93 -5.07 -9.62
C GLY A 133 3.51 -4.71 -9.26
N ILE A 134 3.18 -3.43 -9.16
CA ILE A 134 1.84 -2.97 -8.79
C ILE A 134 1.69 -1.54 -9.29
N ILE A 135 0.45 -1.12 -9.50
CA ILE A 135 0.10 0.23 -9.93
C ILE A 135 -0.70 0.89 -8.81
N LYS A 136 -0.24 2.03 -8.33
CA LYS A 136 -0.88 2.77 -7.24
C LYS A 136 -1.61 3.98 -7.79
N VAL A 137 -2.85 4.22 -7.34
CA VAL A 137 -3.63 5.39 -7.75
C VAL A 137 -4.31 5.98 -6.53
N ALA A 138 -4.91 7.17 -6.72
CA ALA A 138 -5.43 7.88 -5.56
C ALA A 138 -6.59 8.79 -5.92
N THR A 139 -7.58 8.85 -5.04
CA THR A 139 -8.55 9.95 -4.98
C THR A 139 -8.67 10.35 -3.52
N GLN A 140 -9.12 11.59 -3.28
CA GLN A 140 -9.35 12.07 -1.90
C GLN A 140 -10.68 12.80 -1.97
N GLY A 141 -11.75 12.04 -2.00
CA GLY A 141 -13.06 12.57 -2.35
C GLY A 141 -13.34 12.34 -3.82
N LYS A 142 -14.31 13.08 -4.35
CA LYS A 142 -14.64 12.97 -5.76
C LYS A 142 -13.38 13.18 -6.60
N ALA A 143 -13.20 12.32 -7.61
CA ALA A 143 -11.98 12.37 -8.40
C ALA A 143 -11.88 13.67 -9.17
N THR A 144 -10.68 14.25 -9.18
CA THR A 144 -10.42 15.37 -10.08
C THR A 144 -10.45 14.86 -11.51
N PRO A 145 -10.62 15.76 -12.50
CA PRO A 145 -10.52 15.31 -13.90
C PRO A 145 -9.22 14.56 -14.17
N PHE A 146 -8.10 15.02 -13.62
CA PHE A 146 -6.84 14.33 -13.86
C PHE A 146 -6.83 12.96 -13.20
N GLN A 147 -7.35 12.87 -11.97
CA GLN A 147 -7.38 11.57 -11.30
C GLN A 147 -8.20 10.56 -12.09
N GLU A 148 -9.28 11.00 -12.75
CA GLU A 148 -10.00 10.09 -13.64
C GLU A 148 -9.09 9.54 -14.73
N LEU A 149 -8.24 10.39 -15.30
CA LEU A 149 -7.29 9.91 -16.31
C LEU A 149 -6.32 8.90 -15.71
N VAL A 150 -5.84 9.17 -14.49
CA VAL A 150 -4.90 8.26 -13.84
C VAL A 150 -5.53 6.90 -13.64
N LEU A 151 -6.78 6.87 -13.13
CA LEU A 151 -7.44 5.59 -12.90
C LEU A 151 -7.61 4.83 -14.21
N ARG A 152 -7.95 5.54 -15.29
CA ARG A 152 -8.16 4.87 -16.57
C ARG A 152 -6.84 4.34 -17.12
N ALA A 153 -5.77 5.14 -17.01
CA ALA A 153 -4.44 4.68 -17.44
C ALA A 153 -3.98 3.49 -16.63
N ALA A 154 -4.22 3.50 -15.31
CA ALA A 154 -3.89 2.33 -14.49
C ALA A 154 -4.63 1.09 -14.98
N ALA A 155 -5.92 1.22 -15.30
CA ALA A 155 -6.66 0.09 -15.84
C ALA A 155 -6.03 -0.40 -17.14
N ARG A 156 -5.68 0.53 -18.03
CA ARG A 156 -5.10 0.12 -19.31
C ARG A 156 -3.76 -0.57 -19.13
N ALA A 157 -2.93 -0.04 -18.23
CA ALA A 157 -1.64 -0.68 -17.96
C ALA A 157 -1.83 -2.06 -17.36
N SER A 158 -2.80 -2.19 -16.45
CA SER A 158 -3.08 -3.49 -15.85
C SER A 158 -3.59 -4.49 -16.89
N LEU A 159 -4.47 -4.04 -17.77
CA LEU A 159 -5.02 -4.93 -18.80
C LEU A 159 -3.96 -5.39 -19.77
N ALA A 160 -2.94 -4.57 -20.03
CA ALA A 160 -1.87 -4.97 -20.91
C ALA A 160 -0.88 -5.93 -20.25
N THR A 161 -0.72 -5.86 -18.93
CA THR A 161 0.37 -6.57 -18.25
C THR A 161 -0.08 -7.60 -17.23
N GLY A 162 -1.31 -7.52 -16.73
CA GLY A 162 -1.74 -8.39 -15.66
C GLY A 162 -1.32 -7.97 -14.27
N VAL A 163 -0.55 -6.89 -14.14
N VAL A 163 -0.58 -6.86 -14.15
CA VAL A 163 -0.14 -6.43 -12.82
CA VAL A 163 -0.13 -6.34 -12.85
C VAL A 163 -1.34 -5.76 -12.16
C VAL A 163 -1.31 -5.67 -12.16
N PRO A 164 -1.49 -5.88 -10.84
CA PRO A 164 -2.69 -5.36 -10.17
C PRO A 164 -2.61 -3.87 -9.88
N VAL A 165 -3.77 -3.32 -9.49
CA VAL A 165 -3.95 -1.93 -9.12
C VAL A 165 -4.33 -1.86 -7.65
N THR A 166 -3.78 -0.89 -6.93
CA THR A 166 -4.14 -0.67 -5.54
C THR A 166 -4.38 0.82 -5.34
N THR A 167 -5.32 1.19 -4.47
CA THR A 167 -5.77 2.58 -4.44
C THR A 167 -5.67 3.21 -3.06
N HIS A 168 -5.52 4.52 -3.08
CA HIS A 168 -5.71 5.39 -1.93
C HIS A 168 -7.13 5.94 -2.02
N THR A 169 -7.87 5.89 -0.91
CA THR A 169 -9.21 6.47 -0.87
C THR A 169 -9.34 7.40 0.32
N PHE A 170 -10.32 8.30 0.22
CA PHE A 170 -10.99 8.93 1.36
C PHE A 170 -12.16 8.02 1.69
N ALA A 171 -11.93 7.04 2.57
CA ALA A 171 -12.87 5.92 2.71
C ALA A 171 -14.23 6.37 3.20
N SER A 172 -14.28 7.36 4.10
CA SER A 172 -15.56 7.83 4.62
CA SER A 172 -15.55 7.84 4.61
C SER A 172 -16.40 8.53 3.55
N GLN A 173 -15.78 8.97 2.45
CA GLN A 173 -16.51 9.53 1.32
C GLN A 173 -16.85 8.48 0.29
N ARG A 174 -16.56 7.20 0.57
CA ARG A 174 -16.91 6.08 -0.30
C ARG A 174 -16.27 6.19 -1.67
N ASP A 175 -15.01 6.66 -1.71
CA ASP A 175 -14.30 6.85 -2.98
C ASP A 175 -14.27 5.57 -3.81
N GLY A 176 -14.20 4.41 -3.17
CA GLY A 176 -14.10 3.16 -3.90
C GLY A 176 -15.21 2.96 -4.91
N GLU A 177 -16.38 3.55 -4.66
CA GLU A 177 -17.49 3.37 -5.61
C GLU A 177 -17.19 4.05 -6.94
N GLN A 178 -16.70 5.28 -6.91
CA GLN A 178 -16.34 5.94 -8.16
C GLN A 178 -15.11 5.29 -8.79
N GLN A 179 -14.14 4.88 -7.97
CA GLN A 179 -12.97 4.21 -8.51
C GLN A 179 -13.38 2.95 -9.27
N ALA A 180 -14.24 2.14 -8.64
CA ALA A 180 -14.77 0.93 -9.29
C ALA A 180 -15.47 1.26 -10.60
N ALA A 181 -16.29 2.32 -10.61
CA ALA A 181 -17.01 2.68 -11.83
C ALA A 181 -16.06 2.99 -12.97
N ILE A 182 -15.01 3.77 -12.69
CA ILE A 182 -14.05 4.12 -13.73
C ILE A 182 -13.28 2.89 -14.18
N PHE A 183 -12.77 2.11 -13.23
CA PHE A 183 -12.04 0.87 -13.59
C PHE A 183 -12.89 -0.01 -14.47
N GLU A 184 -14.16 -0.22 -14.09
CA GLU A 184 -15.02 -1.13 -14.86
C GLU A 184 -15.38 -0.55 -16.22
N SER A 185 -15.44 0.79 -16.34
CA SER A 185 -15.70 1.38 -17.64
C SER A 185 -14.56 1.10 -18.62
N GLU A 186 -13.34 0.87 -18.11
CA GLU A 186 -12.22 0.49 -18.95
C GLU A 186 -12.08 -1.02 -19.13
N GLY A 187 -12.95 -1.81 -18.52
CA GLY A 187 -12.91 -3.26 -18.69
C GLY A 187 -12.03 -4.01 -17.72
N LEU A 188 -11.59 -3.36 -16.64
CA LEU A 188 -10.69 -4.00 -15.68
C LEU A 188 -11.47 -4.92 -14.76
N SER A 189 -10.91 -6.11 -14.49
CA SER A 189 -11.56 -7.03 -13.56
C SER A 189 -11.37 -6.56 -12.12
N PRO A 190 -12.44 -6.53 -11.31
CA PRO A 190 -12.27 -6.17 -9.90
C PRO A 190 -11.27 -7.05 -9.16
N SER A 191 -11.09 -8.29 -9.59
CA SER A 191 -10.10 -9.18 -8.99
C SER A 191 -8.67 -8.67 -9.13
N ARG A 192 -8.43 -7.67 -9.98
CA ARG A 192 -7.11 -7.07 -10.14
C ARG A 192 -6.95 -5.78 -9.34
N VAL A 193 -7.93 -5.43 -8.49
CA VAL A 193 -7.95 -4.12 -7.82
C VAL A 193 -8.10 -4.31 -6.32
N CYS A 194 -7.25 -3.63 -5.55
CA CYS A 194 -7.42 -3.48 -4.11
C CYS A 194 -7.86 -2.04 -3.82
N ILE A 195 -9.01 -1.89 -3.17
CA ILE A 195 -9.47 -0.58 -2.70
C ILE A 195 -8.88 -0.35 -1.31
N GLY A 196 -7.90 0.59 -1.23
CA GLY A 196 -7.10 0.73 -0.04
C GLY A 196 -7.64 1.77 0.95
N HIS A 197 -6.98 1.82 2.12
CA HIS A 197 -7.42 2.62 3.28
C HIS A 197 -8.86 2.32 3.66
N SER A 198 -9.34 1.13 3.32
CA SER A 198 -10.71 0.80 3.61
C SER A 198 -10.95 0.59 5.10
N ASP A 199 -9.91 0.40 5.90
CA ASP A 199 -10.12 0.33 7.35
C ASP A 199 -10.33 1.72 7.97
N ASP A 200 -10.28 2.79 7.18
CA ASP A 200 -10.57 4.13 7.68
C ASP A 200 -12.06 4.36 7.91
N THR A 201 -12.93 3.45 7.46
CA THR A 201 -14.37 3.61 7.62
C THR A 201 -14.94 2.42 8.36
N ASP A 202 -16.09 2.62 9.01
CA ASP A 202 -16.83 1.53 9.62
C ASP A 202 -18.07 1.15 8.82
N ASP A 203 -18.28 1.77 7.66
CA ASP A 203 -19.48 1.56 6.87
C ASP A 203 -19.41 0.20 6.19
N LEU A 204 -20.10 -0.80 6.77
CA LEU A 204 -20.13 -2.14 6.19
C LEU A 204 -20.90 -2.21 4.88
N SER A 205 -21.87 -1.30 4.68
N SER A 205 -21.88 -1.32 4.68
CA SER A 205 -22.61 -1.30 3.42
CA SER A 205 -22.59 -1.35 3.40
C SER A 205 -21.71 -0.91 2.26
C SER A 205 -21.65 -0.97 2.26
N TYR A 206 -20.80 0.03 2.48
CA TYR A 206 -19.81 0.42 1.47
C TYR A 206 -18.81 -0.71 1.25
N LEU A 207 -18.26 -1.28 2.32
CA LEU A 207 -17.23 -2.29 2.18
C LEU A 207 -17.77 -3.55 1.51
N THR A 208 -18.98 -4.00 1.89
CA THR A 208 -19.51 -5.21 1.25
C THR A 208 -19.97 -4.94 -0.17
N ALA A 209 -20.36 -3.70 -0.50
CA ALA A 209 -20.73 -3.40 -1.88
C ALA A 209 -19.53 -3.54 -2.80
N LEU A 210 -18.34 -3.15 -2.33
CA LEU A 210 -17.12 -3.37 -3.11
C LEU A 210 -16.76 -4.85 -3.15
N ALA A 211 -16.76 -5.51 -1.99
CA ALA A 211 -16.39 -6.92 -1.95
C ALA A 211 -17.34 -7.78 -2.77
N ALA A 212 -18.63 -7.45 -2.75
CA ALA A 212 -19.60 -8.28 -3.46
C ALA A 212 -19.33 -8.30 -4.96
N ARG A 213 -18.82 -7.21 -5.54
CA ARG A 213 -18.55 -7.23 -6.97
C ARG A 213 -17.14 -7.71 -7.30
N GLY A 214 -16.37 -8.16 -6.31
CA GLY A 214 -15.10 -8.85 -6.56
C GLY A 214 -13.85 -8.09 -6.17
N TYR A 215 -13.95 -6.87 -5.65
CA TYR A 215 -12.76 -6.10 -5.29
C TYR A 215 -12.07 -6.70 -4.07
N LEU A 216 -10.74 -6.57 -4.03
CA LEU A 216 -9.99 -6.83 -2.82
C LEU A 216 -10.06 -5.60 -1.92
N ILE A 217 -10.13 -5.82 -0.62
CA ILE A 217 -10.37 -4.75 0.35
C ILE A 217 -9.10 -4.54 1.15
N GLY A 218 -8.50 -3.37 1.03
CA GLY A 218 -7.25 -3.07 1.71
C GLY A 218 -7.48 -2.51 3.09
N LEU A 219 -7.34 -3.35 4.12
CA LEU A 219 -7.41 -2.93 5.52
C LEU A 219 -5.97 -2.71 5.94
N ASP A 220 -5.44 -1.53 5.60
CA ASP A 220 -4.01 -1.36 5.49
C ASP A 220 -3.43 -0.34 6.47
N GLY A 221 -4.23 0.22 7.36
CA GLY A 221 -3.67 1.16 8.32
C GLY A 221 -3.98 0.77 9.76
N ILE A 222 -3.89 -0.53 10.08
CA ILE A 222 -4.39 -1.00 11.37
C ILE A 222 -3.78 -0.26 12.56
N PRO A 223 -2.47 0.02 12.62
CA PRO A 223 -1.93 0.73 13.78
C PRO A 223 -2.10 2.24 13.73
N HIS A 224 -2.76 2.81 12.72
CA HIS A 224 -2.92 4.25 12.63
C HIS A 224 -3.98 4.69 13.62
N SER A 225 -3.56 5.31 14.73
CA SER A 225 -4.52 5.84 15.69
C SER A 225 -3.86 6.95 16.48
N ALA A 226 -4.62 8.03 16.70
CA ALA A 226 -4.19 9.13 17.55
C ALA A 226 -4.88 9.12 18.90
N ILE A 227 -5.50 7.99 19.28
CA ILE A 227 -6.03 7.89 20.64
C ILE A 227 -4.89 8.03 21.63
N GLY A 228 -5.03 8.97 22.56
CA GLY A 228 -3.92 9.34 23.40
C GLY A 228 -3.10 10.53 22.92
N LEU A 229 -3.48 11.13 21.79
CA LEU A 229 -2.83 12.34 21.28
C LEU A 229 -3.87 13.35 20.79
N GLU A 230 -4.92 13.56 21.58
CA GLU A 230 -5.92 14.56 21.22
C GLU A 230 -5.35 15.97 21.28
N ASP A 231 -4.31 16.18 22.07
CA ASP A 231 -3.56 17.43 22.08
C ASP A 231 -2.99 17.80 20.72
N ASN A 232 -2.72 16.81 19.88
CA ASN A 232 -1.91 16.96 18.67
C ASN A 232 -2.85 16.99 17.47
N ALA A 233 -3.09 18.19 16.94
CA ALA A 233 -4.08 18.34 15.87
C ALA A 233 -3.62 17.65 14.59
N SER A 234 -2.35 17.82 14.22
CA SER A 234 -1.86 17.24 12.96
C SER A 234 -1.86 15.72 13.02
N ALA A 235 -1.49 15.15 14.16
CA ALA A 235 -1.49 13.69 14.27
C ALA A 235 -2.91 13.14 14.30
N SER A 236 -3.83 13.86 14.95
CA SER A 236 -5.23 13.44 14.94
C SER A 236 -5.82 13.50 13.54
N ALA A 237 -5.49 14.54 12.78
CA ALA A 237 -6.03 14.63 11.42
C ALA A 237 -5.52 13.48 10.56
N LEU A 238 -4.27 13.06 10.76
CA LEU A 238 -3.68 12.02 9.93
C LEU A 238 -4.15 10.63 10.35
N LEU A 239 -4.13 10.35 11.65
CA LEU A 239 -4.27 8.98 12.16
C LEU A 239 -5.69 8.62 12.57
N GLY A 240 -6.52 9.60 12.89
CA GLY A 240 -7.89 9.34 13.30
C GLY A 240 -7.99 8.98 14.78
N ASN A 241 -9.23 8.92 15.25
CA ASN A 241 -9.54 8.66 16.65
C ASN A 241 -10.13 7.27 16.88
N ARG A 242 -10.08 6.39 15.89
CA ARG A 242 -10.53 5.01 16.04
C ARG A 242 -9.34 4.15 16.46
N SER A 243 -9.60 3.19 17.36
CA SER A 243 -8.51 2.37 17.86
C SER A 243 -8.04 1.37 16.81
N TRP A 244 -6.82 0.85 17.03
CA TRP A 244 -6.34 -0.22 16.17
C TRP A 244 -7.20 -1.46 16.30
N GLN A 245 -7.76 -1.71 17.49
CA GLN A 245 -8.67 -2.84 17.66
C GLN A 245 -9.91 -2.69 16.79
N THR A 246 -10.46 -1.47 16.75
CA THR A 246 -11.63 -1.22 15.90
C THR A 246 -11.32 -1.48 14.44
N ARG A 247 -10.15 -1.02 13.96
CA ARG A 247 -9.74 -1.32 12.60
C ARG A 247 -9.55 -2.80 12.38
N ALA A 248 -8.85 -3.47 13.31
CA ALA A 248 -8.57 -4.89 13.16
C ALA A 248 -9.85 -5.72 13.13
N LEU A 249 -10.89 -5.27 13.84
CA LEU A 249 -12.12 -6.05 13.87
C LEU A 249 -12.84 -6.03 12.53
N LEU A 250 -12.52 -5.08 11.65
CA LEU A 250 -13.07 -5.12 10.30
C LEU A 250 -12.56 -6.33 9.53
N ILE A 251 -11.34 -6.79 9.84
CA ILE A 251 -10.86 -8.04 9.25
C ILE A 251 -11.78 -9.19 9.61
N LYS A 252 -12.09 -9.33 10.91
CA LYS A 252 -13.03 -10.36 11.32
C LYS A 252 -14.41 -10.17 10.70
N ALA A 253 -14.88 -8.91 10.59
CA ALA A 253 -16.20 -8.67 10.02
C ALA A 253 -16.29 -9.19 8.60
N LEU A 254 -15.28 -8.91 7.78
CA LEU A 254 -15.31 -9.37 6.39
C LEU A 254 -15.14 -10.87 6.29
N ILE A 255 -14.33 -11.46 7.19
CA ILE A 255 -14.26 -12.92 7.25
C ILE A 255 -15.64 -13.50 7.51
N ASP A 256 -16.34 -12.95 8.51
CA ASP A 256 -17.65 -13.48 8.90
C ASP A 256 -18.70 -13.30 7.81
N GLN A 257 -18.48 -12.41 6.85
CA GLN A 257 -19.39 -12.21 5.74
C GLN A 257 -19.02 -13.03 4.51
N GLY A 258 -17.97 -13.83 4.58
CA GLY A 258 -17.59 -14.70 3.49
C GLY A 258 -16.52 -14.17 2.58
N TYR A 259 -15.82 -13.10 2.96
CA TYR A 259 -14.86 -12.44 2.07
C TYR A 259 -13.41 -12.70 2.45
N MET A 260 -13.11 -13.80 3.15
CA MET A 260 -11.74 -14.00 3.62
C MET A 260 -10.72 -13.98 2.47
N LYS A 261 -11.10 -14.42 1.28
CA LYS A 261 -10.15 -14.46 0.16
C LYS A 261 -9.91 -13.09 -0.47
N GLN A 262 -10.64 -12.05 -0.06
CA GLN A 262 -10.53 -10.73 -0.67
C GLN A 262 -9.94 -9.69 0.26
N ILE A 263 -9.48 -10.10 1.45
CA ILE A 263 -8.93 -9.17 2.44
C ILE A 263 -7.42 -9.08 2.28
N LEU A 264 -6.89 -7.85 2.23
CA LEU A 264 -5.45 -7.63 2.29
C LEU A 264 -5.15 -6.72 3.48
N VAL A 265 -4.20 -7.13 4.32
CA VAL A 265 -3.93 -6.45 5.58
C VAL A 265 -2.52 -5.87 5.55
N SER A 266 -2.35 -4.68 6.13
CA SER A 266 -1.02 -4.07 6.17
C SER A 266 -1.00 -3.00 7.27
N ASN A 267 0.17 -2.42 7.50
CA ASN A 267 0.36 -1.35 8.49
C ASN A 267 0.32 0.05 7.88
N ASP A 268 0.61 0.19 6.59
CA ASP A 268 0.88 1.50 5.99
C ASP A 268 1.92 2.26 6.82
N TRP A 269 2.99 1.57 7.18
CA TRP A 269 4.07 2.19 7.93
C TRP A 269 5.10 2.80 6.98
N LEU A 270 6.01 3.57 7.57
CA LEU A 270 7.09 4.23 6.84
C LEU A 270 8.28 4.35 7.77
N PHE A 271 9.46 4.57 7.20
CA PHE A 271 10.63 4.89 8.00
C PHE A 271 11.07 6.34 7.85
N GLY A 272 10.57 7.04 6.83
CA GLY A 272 10.67 8.47 6.74
C GLY A 272 9.39 9.00 6.11
N PHE A 273 9.09 10.28 6.38
CA PHE A 273 7.77 10.82 6.04
C PHE A 273 7.90 12.34 5.90
N SER A 274 8.50 12.80 4.80
CA SER A 274 8.64 14.23 4.57
C SER A 274 7.40 14.88 3.97
N SER A 275 6.45 14.11 3.45
CA SER A 275 5.27 14.71 2.84
C SER A 275 4.19 15.05 3.87
N TYR A 276 4.52 15.00 5.16
CA TYR A 276 3.62 15.49 6.18
C TYR A 276 4.37 16.42 7.15
N VAL A 277 3.77 16.75 8.30
CA VAL A 277 4.39 17.71 9.19
C VAL A 277 5.71 17.19 9.73
N THR A 278 6.60 18.12 10.10
CA THR A 278 7.90 17.75 10.64
C THR A 278 7.73 16.95 11.93
N ASN A 279 8.56 15.92 12.09
CA ASN A 279 8.61 15.03 13.26
C ASN A 279 7.40 14.10 13.37
N ILE A 280 6.57 13.98 12.33
CA ILE A 280 5.45 13.03 12.39
C ILE A 280 5.97 11.61 12.58
N MET A 281 7.12 11.28 12.00
CA MET A 281 7.64 9.93 12.13
C MET A 281 7.92 9.60 13.60
N ASP A 282 8.42 10.58 14.36
CA ASP A 282 8.63 10.38 15.79
C ASP A 282 7.30 10.12 16.51
N VAL A 283 6.26 10.88 16.15
CA VAL A 283 4.95 10.69 16.77
C VAL A 283 4.41 9.31 16.43
N MET A 284 4.49 8.93 15.15
CA MET A 284 3.97 7.63 14.73
C MET A 284 4.73 6.49 15.40
N ASP A 285 6.06 6.63 15.53
CA ASP A 285 6.85 5.56 16.12
C ASP A 285 6.55 5.41 17.60
N SER A 286 6.15 6.48 18.29
CA SER A 286 5.74 6.34 19.68
C SER A 286 4.36 5.70 19.80
N VAL A 287 3.48 5.93 18.83
CA VAL A 287 2.19 5.24 18.83
C VAL A 287 2.39 3.75 18.60
N ASN A 288 3.25 3.39 17.66
CA ASN A 288 3.41 1.99 17.25
C ASN A 288 4.90 1.68 17.14
N PRO A 289 5.54 1.32 18.26
CA PRO A 289 6.97 0.99 18.23
C PRO A 289 7.28 -0.29 17.46
N ASP A 290 6.28 -1.13 17.19
CA ASP A 290 6.52 -2.34 16.41
C ASP A 290 6.67 -2.05 14.92
N GLY A 291 6.24 -0.88 14.45
CA GLY A 291 6.39 -0.55 13.05
C GLY A 291 5.69 -1.55 12.16
N MET A 292 6.40 -2.05 11.15
CA MET A 292 5.81 -2.99 10.21
C MET A 292 5.57 -4.36 10.83
N ALA A 293 6.18 -4.65 11.98
CA ALA A 293 5.90 -5.90 12.67
C ALA A 293 4.60 -5.87 13.46
N PHE A 294 3.85 -4.75 13.41
CA PHE A 294 2.62 -4.65 14.17
C PHE A 294 1.59 -5.68 13.72
N ILE A 295 1.46 -5.91 12.41
CA ILE A 295 0.49 -6.89 11.93
C ILE A 295 0.79 -8.28 12.50
N PRO A 296 1.99 -8.86 12.30
CA PRO A 296 2.20 -10.23 12.84
C PRO A 296 2.29 -10.29 14.36
N LEU A 297 2.82 -9.26 15.02
CA LEU A 297 3.05 -9.35 16.46
C LEU A 297 1.80 -9.03 17.27
N ARG A 298 0.92 -8.18 16.76
CA ARG A 298 -0.23 -7.76 17.54
CA ARG A 298 -0.23 -7.76 17.54
C ARG A 298 -1.57 -8.08 16.89
N VAL A 299 -1.71 -7.89 15.58
CA VAL A 299 -3.01 -8.09 14.94
C VAL A 299 -3.33 -9.57 14.82
N ILE A 300 -2.38 -10.38 14.36
CA ILE A 300 -2.62 -11.82 14.23
C ILE A 300 -3.01 -12.46 15.57
N PRO A 301 -2.26 -12.27 16.66
CA PRO A 301 -2.71 -12.85 17.94
C PRO A 301 -4.05 -12.29 18.41
N PHE A 302 -4.32 -11.02 18.15
CA PHE A 302 -5.61 -10.43 18.53
C PHE A 302 -6.77 -11.10 17.81
N LEU A 303 -6.62 -11.35 16.50
CA LEU A 303 -7.68 -12.03 15.77
C LEU A 303 -7.80 -13.48 16.20
N ARG A 304 -6.68 -14.14 16.50
CA ARG A 304 -6.76 -15.50 17.03
C ARG A 304 -7.59 -15.55 18.31
N GLU A 305 -7.32 -14.63 19.23
CA GLU A 305 -8.06 -14.62 20.49
C GLU A 305 -9.53 -14.30 20.27
N LYS A 306 -9.86 -13.56 19.20
CA LYS A 306 -11.26 -13.35 18.83
C LYS A 306 -11.85 -14.52 18.04
N GLY A 307 -11.11 -15.62 17.90
CA GLY A 307 -11.67 -16.82 17.32
C GLY A 307 -11.40 -17.04 15.85
N VAL A 308 -10.64 -16.18 15.18
CA VAL A 308 -10.31 -16.44 13.78
C VAL A 308 -9.30 -17.58 13.71
N PRO A 309 -9.56 -18.63 12.92
CA PRO A 309 -8.59 -19.74 12.84
C PRO A 309 -7.27 -19.29 12.23
N GLN A 310 -6.19 -19.95 12.66
CA GLN A 310 -4.87 -19.62 12.10
C GLN A 310 -4.85 -19.86 10.60
N GLU A 311 -5.49 -20.93 10.12
CA GLU A 311 -5.49 -21.20 8.69
C GLU A 311 -6.11 -20.05 7.91
N THR A 312 -7.15 -19.42 8.46
CA THR A 312 -7.75 -18.26 7.79
C THR A 312 -6.80 -17.08 7.73
N LEU A 313 -6.08 -16.82 8.83
CA LEU A 313 -5.12 -15.73 8.85
C LEU A 313 -3.93 -16.00 7.93
N ALA A 314 -3.52 -17.27 7.83
CA ALA A 314 -2.48 -17.62 6.87
C ALA A 314 -2.94 -17.41 5.43
N GLY A 315 -4.21 -17.71 5.15
CA GLY A 315 -4.73 -17.44 3.83
C GLY A 315 -4.72 -15.96 3.51
N ILE A 316 -5.03 -15.12 4.51
CA ILE A 316 -5.11 -13.69 4.29
C ILE A 316 -3.72 -13.09 4.09
N THR A 317 -2.73 -13.55 4.86
CA THR A 317 -1.40 -12.93 4.82
C THR A 317 -0.45 -13.59 3.82
N VAL A 318 -0.77 -14.78 3.32
CA VAL A 318 0.12 -15.44 2.37
C VAL A 318 -0.62 -15.69 1.05
N THR A 319 -1.76 -16.37 1.11
CA THR A 319 -2.43 -16.77 -0.13
C THR A 319 -3.00 -15.57 -0.89
N ASN A 320 -3.72 -14.69 -0.20
CA ASN A 320 -4.33 -13.55 -0.91
C ASN A 320 -3.29 -12.66 -1.56
N PRO A 321 -2.19 -12.26 -0.90
CA PRO A 321 -1.20 -11.42 -1.60
C PRO A 321 -0.58 -12.10 -2.80
N ALA A 322 -0.30 -13.41 -2.71
CA ALA A 322 0.26 -14.11 -3.86
C ALA A 322 -0.72 -14.12 -5.03
N ARG A 323 -2.00 -14.37 -4.76
CA ARG A 323 -3.00 -14.38 -5.82
C ARG A 323 -3.14 -12.99 -6.44
N PHE A 324 -3.10 -11.96 -5.60
CA PHE A 324 -3.27 -10.59 -6.06
C PHE A 324 -2.08 -10.16 -6.92
N LEU A 325 -0.86 -10.40 -6.43
CA LEU A 325 0.36 -9.89 -7.07
C LEU A 325 0.74 -10.68 -8.32
N SER A 326 0.40 -11.97 -8.37
N SER A 326 0.39 -11.97 -8.38
CA SER A 326 0.72 -12.77 -9.54
C SER A 326 0.09 -12.16 -10.79
N PRO A 327 0.87 -11.79 -11.80
CA PRO A 327 0.27 -11.16 -12.99
C PRO A 327 -0.72 -12.09 -13.68
N THR A 328 -1.90 -11.55 -14.00
CA THR A 328 -2.94 -12.32 -14.69
C THR A 328 -3.98 -11.43 -15.36
#